data_2QY6
#
_entry.id   2QY6
#
_cell.length_a   72.067
_cell.length_b   80.468
_cell.length_c   234.376
_cell.angle_alpha   90.000
_cell.angle_beta   90.000
_cell.angle_gamma   90.000
#
_symmetry.space_group_name_H-M   'C 2 2 21'
#
loop_
_entity.id
_entity.type
_entity.pdbx_description
1 polymer 'UPF0209 protein yfcK'
2 water water
#
_entity_poly.entity_id   1
_entity_poly.type   'polypeptide(L)'
_entity_poly.pdbx_seq_one_letter_code
;MSLKHYSIQPANLEFNAEGTPVSRDFDDVYFSNDNGLEETRYVFLGGNQLEARFPEHPHPLFVVAESGFGTGLNFLTLWQ
AFDQFREAHPQAQLQRLHFISFEKFPLTRADLALAHQHWPELAPWAEQLQAQWPMPLPGCHRLLLDEGRVTLDLWFGDIN
ELISQLDDSLNQKVDAWFLDGFAPAKNPDMWTQNLFNAMARLARPGGTLATFTSAGFVRRGLQEAGFTMQKRKGFGRKRE
MLCGVMEQTEGHHHHHH
;
_entity_poly.pdbx_strand_id   A,B
#
# COMPACT_ATOMS: atom_id res chain seq x y z
N SER A 2 -3.96 21.14 25.18
CA SER A 2 -2.58 21.20 24.62
C SER A 2 -1.42 21.60 25.55
N LEU A 3 -1.74 22.17 26.73
CA LEU A 3 -0.82 22.04 27.85
C LEU A 3 -0.80 20.54 28.12
N LYS A 4 -1.93 19.89 27.78
CA LYS A 4 -2.07 18.47 28.04
C LYS A 4 -1.09 17.62 27.26
N HIS A 5 -0.97 17.89 25.95
CA HIS A 5 -0.25 17.02 25.01
C HIS A 5 0.88 17.71 24.27
N TYR A 6 1.04 19.00 24.52
CA TYR A 6 1.87 19.82 23.65
C TYR A 6 1.46 19.52 22.20
N SER A 7 2.43 19.14 21.35
CA SER A 7 2.14 18.90 19.94
C SER A 7 1.72 17.46 19.65
N ILE A 8 1.80 16.55 20.63
CA ILE A 8 1.47 15.16 20.37
C ILE A 8 -0.03 14.97 20.21
N GLN A 9 -0.41 14.22 19.20
CA GLN A 9 -1.80 13.82 19.06
C GLN A 9 -1.94 12.31 19.29
N PRO A 10 -2.71 11.87 20.30
CA PRO A 10 -2.97 10.43 20.42
C PRO A 10 -3.62 9.89 19.12
N ALA A 11 -3.32 8.63 18.81
CA ALA A 11 -3.91 7.93 17.67
C ALA A 11 -5.41 7.92 17.73
N ASN A 12 -6.02 8.12 16.57
CA ASN A 12 -7.45 7.99 16.42
C ASN A 12 -7.74 6.68 15.71
N LEU A 13 -8.35 5.73 16.42
CA LEU A 13 -8.61 4.40 15.86
C LEU A 13 -10.07 4.11 15.75
N GLU A 14 -10.37 3.28 14.76
CA GLU A 14 -11.67 2.67 14.64
C GLU A 14 -11.41 1.18 14.60
N PHE A 15 -12.27 0.40 15.23
CA PHE A 15 -12.16 -1.05 15.09
C PHE A 15 -13.17 -1.52 14.05
N ASN A 16 -12.68 -2.28 13.07
CA ASN A 16 -13.47 -2.63 11.89
C ASN A 16 -14.32 -3.86 12.15
N ALA A 17 -15.13 -4.29 11.18
CA ALA A 17 -16.08 -5.42 11.37
C ALA A 17 -15.44 -6.71 11.89
N GLU A 18 -14.13 -6.88 11.69
CA GLU A 18 -13.40 -8.09 12.11
C GLU A 18 -12.74 -7.86 13.47
N GLY A 19 -12.89 -6.63 13.97
CA GLY A 19 -12.31 -6.19 15.23
C GLY A 19 -10.86 -5.72 15.14
N THR A 20 -10.35 -5.51 13.91
CA THR A 20 -8.96 -5.02 13.69
C THR A 20 -8.88 -3.50 13.91
N PRO A 21 -7.85 -3.02 14.63
CA PRO A 21 -7.52 -1.60 14.72
C PRO A 21 -7.10 -1.03 13.35
N VAL A 22 -7.85 0.01 12.96
CA VAL A 22 -7.62 0.79 11.79
C VAL A 22 -7.28 2.22 12.25
N SER A 23 -6.16 2.72 11.75
CA SER A 23 -5.75 4.09 11.93
C SER A 23 -6.65 5.03 11.12
N ARG A 24 -7.32 5.95 11.80
CA ARG A 24 -8.05 7.02 11.14
C ARG A 24 -7.12 8.19 10.81
N ASP A 25 -5.87 8.14 11.24
CA ASP A 25 -4.90 9.16 10.90
C ASP A 25 -4.36 8.88 9.48
N PHE A 26 -4.16 7.59 9.17
CA PHE A 26 -3.60 7.18 7.91
C PHE A 26 -4.46 6.26 7.06
N ASP A 27 -5.65 5.91 7.53
CA ASP A 27 -6.62 5.13 6.76
C ASP A 27 -6.16 3.71 6.35
N ASP A 28 -5.63 2.96 7.32
CA ASP A 28 -5.22 1.58 7.05
C ASP A 28 -5.25 0.76 8.35
N VAL A 29 -5.46 -0.55 8.21
CA VAL A 29 -5.29 -1.46 9.37
C VAL A 29 -3.85 -1.41 9.85
N TYR A 30 -3.63 -1.57 11.15
CA TYR A 30 -2.29 -1.67 11.71
C TYR A 30 -1.61 -3.01 11.47
N PHE A 31 -2.36 -4.07 11.23
CA PHE A 31 -1.74 -5.40 11.00
C PHE A 31 -2.76 -6.30 10.30
N SER A 32 -2.29 -7.42 9.77
CA SER A 32 -3.14 -8.51 9.23
C SER A 32 -3.91 -9.21 10.35
N ASN A 33 -5.24 -9.09 10.33
CA ASN A 33 -6.07 -9.83 11.28
C ASN A 33 -5.72 -11.33 11.31
N ASP A 34 -5.53 -11.96 10.15
CA ASP A 34 -5.19 -13.38 10.05
C ASP A 34 -3.74 -13.81 10.44
N ASN A 35 -2.77 -13.01 10.01
CA ASN A 35 -1.38 -13.45 9.87
C ASN A 35 -0.36 -12.53 10.48
N GLY A 36 -0.84 -11.56 11.24
CA GLY A 36 -0.02 -10.49 11.83
C GLY A 36 1.26 -10.94 12.50
N LEU A 37 1.15 -11.87 13.45
CA LEU A 37 2.34 -12.40 14.15
C LEU A 37 3.31 -13.08 13.21
N GLU A 38 2.80 -14.05 12.44
CA GLU A 38 3.63 -14.78 11.53
C GLU A 38 4.27 -13.85 10.49
N GLU A 39 3.51 -12.85 10.03
CA GLU A 39 4.07 -11.93 9.07
C GLU A 39 5.20 -11.04 9.63
N THR A 40 4.94 -10.46 10.78
CA THR A 40 5.96 -9.73 11.54
C THR A 40 7.17 -10.62 11.70
N ARG A 41 7.00 -11.90 12.09
CA ARG A 41 8.18 -12.73 12.31
C ARG A 41 9.01 -12.87 10.99
N TYR A 42 8.32 -13.06 9.88
CA TYR A 42 8.96 -13.30 8.61
C TYR A 42 9.68 -12.05 8.08
N VAL A 43 8.95 -10.92 8.07
CA VAL A 43 9.51 -9.66 7.60
C VAL A 43 10.62 -9.11 8.45
N PHE A 44 10.37 -8.91 9.73
CA PHE A 44 11.35 -8.22 10.57
C PHE A 44 12.39 -9.12 11.27
N LEU A 45 11.96 -10.26 11.76
CA LEU A 45 12.91 -11.24 12.35
C LEU A 45 13.62 -11.95 11.21
N GLY A 46 12.84 -12.55 10.30
CA GLY A 46 13.41 -13.18 9.11
C GLY A 46 14.28 -12.30 8.23
N GLY A 47 13.79 -11.10 7.92
CA GLY A 47 14.54 -10.19 7.06
C GLY A 47 15.87 -9.74 7.66
N ASN A 48 15.95 -9.61 8.97
CA ASN A 48 17.19 -9.21 9.61
C ASN A 48 17.98 -10.46 10.13
N GLN A 49 17.46 -11.65 9.86
CA GLN A 49 18.09 -12.93 10.30
C GLN A 49 18.35 -13.00 11.78
N LEU A 50 17.38 -12.61 12.59
CA LEU A 50 17.67 -12.34 13.99
C LEU A 50 17.89 -13.64 14.72
N GLU A 51 17.00 -14.59 14.47
CA GLU A 51 17.07 -15.88 15.17
C GLU A 51 18.39 -16.65 14.96
N ALA A 52 18.93 -16.61 13.75
CA ALA A 52 20.22 -17.20 13.46
C ALA A 52 21.34 -16.39 14.09
N ARG A 53 21.17 -15.07 14.13
CA ARG A 53 22.25 -14.21 14.56
C ARG A 53 22.52 -14.24 16.03
N PHE A 54 21.47 -14.37 16.86
CA PHE A 54 21.58 -14.19 18.28
C PHE A 54 22.67 -15.07 18.98
N PRO A 55 22.73 -16.40 18.65
CA PRO A 55 23.74 -17.25 19.30
C PRO A 55 25.14 -16.95 18.79
N GLU A 56 25.25 -16.26 17.66
CA GLU A 56 26.58 -15.97 17.12
C GLU A 56 26.98 -14.49 17.34
N HIS A 57 26.09 -13.72 17.97
CA HIS A 57 26.34 -12.26 18.12
C HIS A 57 27.51 -12.00 19.10
N PRO A 58 28.61 -11.35 18.62
CA PRO A 58 29.84 -11.23 19.44
C PRO A 58 29.86 -10.02 20.42
N HIS A 59 28.72 -9.68 21.03
CA HIS A 59 28.63 -8.53 21.94
C HIS A 59 27.58 -8.94 22.94
N PRO A 60 27.62 -8.42 24.16
CA PRO A 60 26.63 -8.66 25.21
C PRO A 60 25.27 -7.98 25.04
N LEU A 61 25.23 -6.98 24.15
CA LEU A 61 24.02 -6.23 23.86
C LEU A 61 23.67 -6.31 22.37
N PHE A 62 22.38 -6.51 22.10
CA PHE A 62 21.89 -6.42 20.74
C PHE A 62 20.98 -5.20 20.67
N VAL A 63 21.25 -4.34 19.70
CA VAL A 63 20.43 -3.09 19.55
C VAL A 63 19.55 -3.10 18.32
N VAL A 64 18.25 -2.99 18.53
CA VAL A 64 17.29 -2.82 17.42
C VAL A 64 16.66 -1.39 17.45
N ALA A 65 16.53 -0.81 16.27
CA ALA A 65 15.88 0.49 16.14
C ALA A 65 14.77 0.35 15.14
N GLU A 66 13.61 0.90 15.47
CA GLU A 66 12.43 0.74 14.64
C GLU A 66 11.79 2.10 14.26
N SER A 67 11.36 2.28 13.01
CA SER A 67 10.78 3.58 12.63
C SER A 67 9.34 3.90 13.05
N GLY A 68 8.44 2.93 13.19
CA GLY A 68 7.14 3.27 13.72
C GLY A 68 6.63 2.14 14.60
N PHE A 69 6.41 2.45 15.88
CA PHE A 69 6.03 1.50 16.88
C PHE A 69 4.64 0.92 16.70
N GLY A 70 3.68 1.78 16.44
CA GLY A 70 2.31 1.35 16.24
C GLY A 70 1.68 0.73 17.48
N THR A 71 1.13 -0.47 17.28
CA THR A 71 0.61 -1.29 18.37
C THR A 71 1.70 -1.96 19.22
N GLY A 72 2.95 -1.99 18.74
CA GLY A 72 4.03 -2.70 19.44
C GLY A 72 4.18 -4.18 19.06
N LEU A 73 3.40 -4.62 18.06
CA LEU A 73 3.51 -5.97 17.53
C LEU A 73 4.96 -6.34 17.18
N ASN A 74 5.69 -5.48 16.47
CA ASN A 74 7.09 -5.86 16.14
C ASN A 74 7.89 -6.07 17.41
N PHE A 75 7.72 -5.15 18.37
CA PHE A 75 8.47 -5.21 19.60
C PHE A 75 8.16 -6.47 20.45
N LEU A 76 6.87 -6.76 20.62
CA LEU A 76 6.42 -7.89 21.39
C LEU A 76 6.90 -9.19 20.72
N THR A 77 6.83 -9.22 19.40
CA THR A 77 7.29 -10.36 18.64
C THR A 77 8.78 -10.57 18.87
N LEU A 78 9.53 -9.47 18.87
CA LEU A 78 10.98 -9.57 19.09
C LEU A 78 11.29 -10.03 20.52
N TRP A 79 10.58 -9.46 21.50
CA TRP A 79 10.80 -9.78 22.89
C TRP A 79 10.55 -11.27 23.19
N GLN A 80 9.42 -11.80 22.73
CA GLN A 80 9.21 -13.28 22.73
C GLN A 80 10.38 -14.05 22.12
N ALA A 81 10.75 -13.69 20.89
CA ALA A 81 11.86 -14.35 20.21
C ALA A 81 13.14 -14.31 21.04
N PHE A 82 13.44 -13.13 21.60
CA PHE A 82 14.63 -12.95 22.43
C PHE A 82 14.59 -13.80 23.70
N ASP A 83 13.45 -13.79 24.39
CA ASP A 83 13.24 -14.60 25.55
C ASP A 83 13.42 -16.10 25.27
N GLN A 84 12.85 -16.57 24.15
CA GLN A 84 13.03 -17.93 23.63
C GLN A 84 14.49 -18.18 23.38
N PHE A 85 15.19 -17.22 22.77
CA PHE A 85 16.66 -17.38 22.53
C PHE A 85 17.44 -17.54 23.85
N ARG A 86 17.07 -16.76 24.87
CA ARG A 86 17.79 -16.79 26.13
C ARG A 86 17.62 -18.14 26.88
N GLU A 87 16.40 -18.71 26.82
CA GLU A 87 16.09 -20.06 27.34
C GLU A 87 16.92 -21.16 26.70
N ALA A 88 17.07 -21.09 25.39
CA ALA A 88 17.79 -22.10 24.62
C ALA A 88 19.29 -21.91 24.67
N HIS A 89 19.71 -20.66 24.83
CA HIS A 89 21.10 -20.34 24.88
C HIS A 89 21.49 -19.43 26.08
N PRO A 90 21.28 -19.92 27.32
CA PRO A 90 21.57 -19.10 28.54
C PRO A 90 23.01 -18.63 28.66
N GLN A 91 23.94 -19.33 28.05
CA GLN A 91 25.35 -18.99 28.27
C GLN A 91 26.01 -18.34 27.06
N ALA A 92 25.19 -17.84 26.14
CA ALA A 92 25.69 -17.11 24.98
C ALA A 92 26.31 -15.77 25.44
N GLN A 93 27.19 -15.22 24.62
CA GLN A 93 27.75 -13.89 24.86
C GLN A 93 26.61 -12.85 24.95
N LEU A 94 25.63 -12.98 24.07
CA LEU A 94 24.50 -12.02 24.03
C LEU A 94 23.53 -12.22 25.20
N GLN A 95 23.39 -11.21 26.05
CA GLN A 95 22.58 -11.32 27.27
C GLN A 95 21.46 -10.30 27.40
N ARG A 96 21.53 -9.24 26.60
CA ARG A 96 20.62 -8.09 26.80
C ARG A 96 20.12 -7.53 25.48
N LEU A 97 18.92 -7.01 25.53
CA LEU A 97 18.31 -6.41 24.34
C LEU A 97 17.91 -4.97 24.61
N HIS A 98 18.23 -4.08 23.66
CA HIS A 98 17.78 -2.68 23.75
C HIS A 98 17.05 -2.32 22.47
N PHE A 99 15.82 -1.82 22.62
CA PHE A 99 14.95 -1.56 21.48
C PHE A 99 14.62 -0.04 21.45
N ILE A 100 14.82 0.63 20.32
CA ILE A 100 14.53 2.05 20.21
C ILE A 100 13.53 2.31 19.11
N SER A 101 12.44 2.97 19.46
CA SER A 101 11.36 3.11 18.51
C SER A 101 10.78 4.51 18.52
N PHE A 102 10.13 4.86 17.43
CA PHE A 102 9.55 6.23 17.24
C PHE A 102 8.09 6.09 16.89
N GLU A 103 7.29 7.01 17.43
CA GLU A 103 5.88 7.04 17.17
C GLU A 103 5.31 8.48 17.25
N LYS A 104 4.73 8.90 16.14
CA LYS A 104 4.08 10.22 16.05
C LYS A 104 2.65 10.25 16.65
N PHE A 105 1.90 9.16 16.51
CA PHE A 105 0.55 9.08 17.06
C PHE A 105 0.42 7.93 18.07
N PRO A 106 0.85 8.12 19.33
CA PRO A 106 0.78 6.98 20.21
C PRO A 106 -0.67 6.60 20.55
N LEU A 107 -0.92 5.30 20.66
CA LEU A 107 -2.18 4.78 21.08
C LEU A 107 -2.46 5.11 22.54
N THR A 108 -3.73 5.33 22.85
CA THR A 108 -4.20 5.35 24.22
C THR A 108 -4.08 3.94 24.82
N ARG A 109 -4.09 3.86 26.15
CA ARG A 109 -3.91 2.60 26.85
C ARG A 109 -5.09 1.66 26.59
N ALA A 110 -6.30 2.20 26.42
CA ALA A 110 -7.47 1.36 26.13
C ALA A 110 -7.34 0.73 24.72
N ASP A 111 -7.08 1.56 23.70
CA ASP A 111 -6.83 1.05 22.33
C ASP A 111 -5.69 0.04 22.29
N LEU A 112 -4.61 0.35 23.00
CA LEU A 112 -3.49 -0.61 23.12
C LEU A 112 -3.91 -1.98 23.65
N ALA A 113 -4.70 -2.03 24.73
CA ALA A 113 -5.12 -3.30 25.32
C ALA A 113 -5.97 -4.10 24.35
N LEU A 114 -6.78 -3.38 23.61
CA LEU A 114 -7.69 -3.99 22.64
C LEU A 114 -6.93 -4.59 21.50
N ALA A 115 -6.00 -3.80 20.93
CA ALA A 115 -5.12 -4.29 19.86
C ALA A 115 -4.48 -5.59 20.28
N HIS A 116 -3.90 -5.62 21.48
CA HIS A 116 -3.15 -6.83 21.96
C HIS A 116 -4.02 -8.08 22.16
N GLN A 117 -5.33 -7.90 22.33
CA GLN A 117 -6.24 -9.05 22.50
C GLN A 117 -6.21 -9.94 21.29
N HIS A 118 -5.71 -9.39 20.18
CA HIS A 118 -5.58 -10.17 18.97
C HIS A 118 -4.55 -11.26 19.08
N TRP A 119 -3.60 -11.15 20.03
CA TRP A 119 -2.48 -12.12 20.10
CA TRP A 119 -2.51 -12.15 20.07
C TRP A 119 -2.30 -12.72 21.47
N PRO A 120 -3.18 -13.67 21.86
CA PRO A 120 -3.11 -14.30 23.16
C PRO A 120 -1.76 -14.99 23.49
N GLU A 121 -1.09 -15.55 22.51
CA GLU A 121 0.28 -16.02 22.64
C GLU A 121 1.25 -15.01 23.28
N LEU A 122 0.98 -13.72 23.03
CA LEU A 122 1.90 -12.65 23.43
C LEU A 122 1.55 -11.99 24.75
N ALA A 123 0.41 -12.38 25.32
CA ALA A 123 -0.13 -11.76 26.53
C ALA A 123 0.84 -11.57 27.71
N PRO A 124 1.68 -12.58 28.01
CA PRO A 124 2.67 -12.36 29.08
C PRO A 124 3.53 -11.09 28.87
N TRP A 125 3.96 -10.83 27.62
CA TRP A 125 4.80 -9.67 27.34
C TRP A 125 3.95 -8.43 27.17
N ALA A 126 2.85 -8.58 26.45
CA ALA A 126 1.90 -7.50 26.26
C ALA A 126 1.47 -6.85 27.58
N GLU A 127 1.16 -7.67 28.59
CA GLU A 127 0.62 -7.12 29.84
C GLU A 127 1.67 -6.25 30.53
N GLN A 128 2.93 -6.61 30.38
CA GLN A 128 4.05 -5.83 30.87
C GLN A 128 4.23 -4.47 30.19
N LEU A 129 4.08 -4.44 28.86
CA LEU A 129 4.10 -3.18 28.13
C LEU A 129 2.94 -2.27 28.53
N GLN A 130 1.77 -2.86 28.69
CA GLN A 130 0.59 -2.10 29.06
C GLN A 130 0.77 -1.42 30.42
N ALA A 131 1.34 -2.18 31.35
CA ALA A 131 1.56 -1.69 32.69
C ALA A 131 2.45 -0.45 32.75
N GLN A 132 3.46 -0.35 31.87
CA GLN A 132 4.36 0.82 31.79
C GLN A 132 4.13 1.80 30.61
N TRP A 133 2.96 1.73 30.01
CA TRP A 133 2.71 2.46 28.80
C TRP A 133 2.71 3.96 29.13
N PRO A 134 3.63 4.73 28.51
CA PRO A 134 3.86 6.09 28.95
C PRO A 134 2.76 7.05 28.44
N MET A 135 2.67 8.24 29.05
CA MET A 135 1.74 9.30 28.62
C MET A 135 2.16 9.88 27.26
N PRO A 136 1.17 10.34 26.46
CA PRO A 136 1.58 10.82 25.14
C PRO A 136 2.21 12.21 25.16
N LEU A 137 3.45 12.28 25.60
CA LEU A 137 4.21 13.52 25.69
C LEU A 137 5.48 13.42 24.83
N PRO A 138 5.98 14.55 24.31
CA PRO A 138 7.21 14.56 23.50
C PRO A 138 8.49 14.06 24.17
N GLY A 139 9.23 13.28 23.41
CA GLY A 139 10.58 12.89 23.79
C GLY A 139 10.72 11.41 24.13
N CYS A 140 11.71 11.11 24.94
CA CYS A 140 12.15 9.74 25.13
C CYS A 140 11.65 9.11 26.42
N HIS A 141 10.84 8.06 26.30
CA HIS A 141 10.29 7.42 27.49
C HIS A 141 10.89 6.02 27.56
N ARG A 142 11.77 5.78 28.54
CA ARG A 142 12.44 4.49 28.66
C ARG A 142 11.70 3.56 29.62
N LEU A 143 11.42 2.35 29.13
CA LEU A 143 10.79 1.32 29.91
C LEU A 143 11.82 0.24 30.24
N LEU A 144 11.99 0.00 31.54
CA LEU A 144 12.82 -1.10 32.01
C LEU A 144 11.98 -2.34 32.23
N LEU A 145 12.18 -3.31 31.34
CA LEU A 145 11.38 -4.51 31.38
C LEU A 145 12.34 -5.67 31.74
N ASP A 146 11.85 -6.64 32.51
CA ASP A 146 12.69 -7.79 32.85
C ASP A 146 14.03 -7.43 33.52
N ARG A 149 17.49 -6.49 31.38
CA ARG A 149 17.67 -7.46 30.26
C ARG A 149 17.05 -6.96 28.97
N VAL A 150 15.87 -6.37 29.11
CA VAL A 150 15.20 -5.73 27.98
C VAL A 150 14.83 -4.28 28.30
N THR A 151 15.34 -3.36 27.49
CA THR A 151 15.02 -1.94 27.61
C THR A 151 14.33 -1.47 26.31
N LEU A 152 13.26 -0.73 26.47
CA LEU A 152 12.52 -0.15 25.36
C LEU A 152 12.54 1.40 25.49
N ASP A 153 13.17 2.08 24.54
CA ASP A 153 13.04 3.55 24.44
C ASP A 153 11.98 3.94 23.44
N LEU A 154 10.92 4.57 23.93
CA LEU A 154 9.85 5.04 23.09
C LEU A 154 9.94 6.55 22.86
N TRP A 155 10.23 6.95 21.64
CA TRP A 155 10.31 8.37 21.26
C TRP A 155 9.02 8.83 20.64
N PHE A 156 8.41 9.80 21.29
CA PHE A 156 7.17 10.37 20.79
C PHE A 156 7.41 11.73 20.08
N GLY A 157 6.79 11.87 18.91
CA GLY A 157 7.00 12.97 18.00
C GLY A 157 7.29 12.51 16.59
N ASP A 158 7.97 13.37 15.83
CA ASP A 158 8.21 13.13 14.42
C ASP A 158 9.60 12.52 14.24
N ILE A 159 9.68 11.35 13.60
CA ILE A 159 10.99 10.65 13.51
C ILE A 159 12.04 11.48 12.77
N ASN A 160 11.59 12.15 11.72
CA ASN A 160 12.43 13.06 10.98
C ASN A 160 13.00 14.20 11.79
N GLU A 161 12.20 14.77 12.67
CA GLU A 161 12.76 15.78 13.55
C GLU A 161 13.54 15.14 14.73
N LEU A 162 13.16 13.91 15.11
CA LEU A 162 13.76 13.26 16.29
C LEU A 162 15.14 12.63 16.04
N ILE A 163 15.28 11.88 14.96
CA ILE A 163 16.51 11.16 14.60
C ILE A 163 17.88 11.91 14.79
N SER A 164 17.89 13.23 14.60
CA SER A 164 19.06 14.05 14.93
C SER A 164 19.48 13.97 16.43
N GLN A 165 18.50 13.70 17.30
CA GLN A 165 18.72 13.50 18.75
C GLN A 165 19.55 12.27 19.07
N LEU A 166 19.51 11.30 18.14
CA LEU A 166 20.44 10.19 18.12
C LEU A 166 21.70 10.72 17.47
N ASP A 167 22.48 11.45 18.26
CA ASP A 167 23.63 12.16 17.74
C ASP A 167 24.72 11.17 17.33
N ASP A 168 25.88 11.71 17.00
CA ASP A 168 27.01 10.92 16.51
C ASP A 168 27.52 9.91 17.54
N SER A 169 27.02 10.02 18.78
CA SER A 169 27.41 9.09 19.82
C SER A 169 26.74 7.71 19.62
N LEU A 170 25.62 7.67 18.91
CA LEU A 170 25.01 6.38 18.54
C LEU A 170 25.43 5.84 17.16
N ASN A 171 26.36 6.49 16.48
CA ASN A 171 26.79 6.02 15.18
C ASN A 171 27.37 4.63 15.28
N GLN A 172 27.00 3.80 14.30
CA GLN A 172 27.50 2.44 14.23
C GLN A 172 27.16 1.60 15.46
N LYS A 173 26.00 1.86 16.07
CA LYS A 173 25.59 1.06 17.22
C LYS A 173 24.27 0.27 17.05
N VAL A 174 23.63 0.40 15.88
CA VAL A 174 22.37 -0.33 15.60
C VAL A 174 22.63 -1.62 14.83
N ASP A 175 22.30 -2.76 15.45
CA ASP A 175 22.50 -4.08 14.81
C ASP A 175 21.46 -4.40 13.74
N ALA A 176 20.21 -4.04 13.98
CA ALA A 176 19.17 -4.23 12.99
C ALA A 176 18.15 -3.07 12.98
N TRP A 177 17.69 -2.71 11.80
CA TRP A 177 16.60 -1.72 11.60
C TRP A 177 15.29 -2.41 11.21
N PHE A 178 14.21 -2.08 11.94
CA PHE A 178 12.85 -2.35 11.46
C PHE A 178 12.31 -1.07 10.79
N LEU A 179 12.38 -1.02 9.47
CA LEU A 179 11.81 0.10 8.68
C LEU A 179 10.32 -0.18 8.46
N ASP A 180 9.52 0.27 9.42
CA ASP A 180 8.13 -0.12 9.49
C ASP A 180 7.24 1.10 9.66
N GLY A 181 5.95 0.86 9.88
CA GLY A 181 4.97 1.95 10.07
C GLY A 181 4.02 1.84 8.89
N PHE A 182 3.38 2.93 8.50
CA PHE A 182 2.38 2.81 7.45
C PHE A 182 3.06 2.85 6.12
N ALA A 183 2.45 2.23 5.12
CA ALA A 183 2.99 2.27 3.73
C ALA A 183 3.30 3.66 3.26
N PRO A 184 4.33 3.79 2.40
CA PRO A 184 4.73 5.02 1.77
C PRO A 184 3.56 5.76 1.12
N ALA A 185 2.62 5.06 0.49
CA ALA A 185 1.46 5.72 -0.09
C ALA A 185 0.52 6.21 1.03
N LYS A 186 0.63 5.64 2.22
CA LYS A 186 -0.30 6.03 3.31
C LYS A 186 0.26 7.12 4.23
N ASN A 187 1.55 7.01 4.52
CA ASN A 187 2.24 8.04 5.27
C ASN A 187 3.56 8.41 4.55
N PRO A 188 3.49 9.17 3.42
CA PRO A 188 4.68 9.56 2.61
C PRO A 188 5.71 10.42 3.37
N ASP A 189 5.26 11.24 4.32
CA ASP A 189 6.12 12.08 5.14
C ASP A 189 7.24 11.33 5.89
N MET A 190 6.95 10.14 6.40
CA MET A 190 7.98 9.32 7.09
C MET A 190 9.21 8.94 6.20
N TRP A 191 8.93 8.62 4.94
CA TRP A 191 9.85 7.92 4.05
C TRP A 191 10.86 8.86 3.31
N THR A 192 11.75 9.49 4.04
CA THR A 192 12.66 10.52 3.45
C THR A 192 14.09 10.13 3.29
N GLN A 193 14.81 10.86 2.42
CA GLN A 193 16.27 10.67 2.32
C GLN A 193 16.94 10.96 3.66
N ASN A 194 16.47 11.99 4.36
CA ASN A 194 16.96 12.34 5.69
C ASN A 194 16.95 11.10 6.64
N LEU A 195 15.80 10.43 6.70
CA LEU A 195 15.68 9.18 7.43
C LEU A 195 16.63 8.05 6.93
N PHE A 196 16.60 7.77 5.64
CA PHE A 196 17.47 6.73 5.13
C PHE A 196 18.91 7.02 5.50
N ASN A 197 19.32 8.29 5.36
CA ASN A 197 20.71 8.68 5.63
C ASN A 197 21.04 8.45 7.10
N ALA A 198 20.12 8.81 8.00
CA ALA A 198 20.34 8.66 9.42
C ALA A 198 20.41 7.20 9.83
N MET A 199 19.53 6.38 9.24
CA MET A 199 19.53 4.95 9.45
C MET A 199 20.89 4.39 9.14
N ALA A 200 21.43 4.84 7.99
CA ALA A 200 22.73 4.38 7.51
C ALA A 200 23.90 4.75 8.43
N ARG A 201 23.90 5.96 8.99
CA ARG A 201 24.97 6.34 9.89
C ARG A 201 24.86 5.66 11.26
N LEU A 202 23.63 5.37 11.73
CA LEU A 202 23.42 4.65 12.99
C LEU A 202 23.77 3.16 12.92
N ALA A 203 23.69 2.57 11.73
CA ALA A 203 23.99 1.14 11.56
C ALA A 203 25.41 0.69 11.92
N ARG A 204 25.54 -0.41 12.67
CA ARG A 204 26.83 -1.04 12.89
C ARG A 204 27.26 -1.68 11.56
N PRO A 205 28.58 -1.64 11.21
CA PRO A 205 29.01 -2.40 10.01
C PRO A 205 28.60 -3.87 10.11
N GLY A 206 28.03 -4.39 9.03
CA GLY A 206 27.46 -5.73 9.00
C GLY A 206 26.07 -5.76 9.63
N GLY A 207 25.57 -4.59 10.07
CA GLY A 207 24.22 -4.47 10.68
C GLY A 207 23.21 -4.49 9.55
N THR A 208 21.95 -4.81 9.84
CA THR A 208 21.00 -5.11 8.77
C THR A 208 19.77 -4.20 8.83
N LEU A 209 19.04 -4.18 7.72
CA LEU A 209 17.75 -3.56 7.67
C LEU A 209 16.72 -4.44 6.99
N ALA A 210 15.47 -4.43 7.48
CA ALA A 210 14.41 -5.02 6.70
C ALA A 210 13.18 -4.10 6.59
N THR A 211 12.48 -4.17 5.46
CA THR A 211 11.14 -3.49 5.32
C THR A 211 10.06 -4.28 4.54
N PHE A 212 8.79 -3.99 4.76
CA PHE A 212 7.71 -4.67 4.05
C PHE A 212 7.54 -4.10 2.61
N THR A 213 7.91 -2.82 2.40
CA THR A 213 7.73 -2.21 1.09
C THR A 213 8.86 -2.59 0.08
N SER A 214 8.54 -2.55 -1.21
CA SER A 214 9.57 -2.49 -2.25
C SER A 214 9.37 -1.32 -3.26
N ALA A 215 8.67 -0.26 -2.83
CA ALA A 215 8.63 1.01 -3.56
C ALA A 215 10.04 1.32 -4.08
N GLY A 216 10.17 1.56 -5.36
CA GLY A 216 11.50 1.78 -5.97
C GLY A 216 12.31 2.94 -5.36
N PHE A 217 11.64 4.02 -4.94
CA PHE A 217 12.37 5.17 -4.39
C PHE A 217 12.96 4.80 -3.04
N VAL A 218 12.32 3.83 -2.38
CA VAL A 218 12.77 3.41 -1.05
C VAL A 218 14.04 2.60 -1.23
N ARG A 219 14.05 1.70 -2.20
CA ARG A 219 15.25 0.92 -2.51
C ARG A 219 16.42 1.80 -2.97
N ARG A 220 16.15 2.74 -3.87
CA ARG A 220 17.19 3.65 -4.38
C ARG A 220 17.68 4.58 -3.29
N GLY A 221 16.77 4.98 -2.38
CA GLY A 221 17.08 5.84 -1.24
C GLY A 221 18.01 5.19 -0.23
N LEU A 222 17.70 3.94 0.13
CA LEU A 222 18.58 3.11 1.00
C LEU A 222 19.97 2.82 0.38
N GLN A 223 19.98 2.58 -0.93
CA GLN A 223 21.21 2.33 -1.67
C GLN A 223 22.03 3.60 -1.62
N GLU A 224 21.41 4.76 -1.90
CA GLU A 224 22.11 6.06 -1.82
C GLU A 224 22.66 6.38 -0.42
N ALA A 225 21.84 6.18 0.62
CA ALA A 225 22.28 6.24 2.01
C ALA A 225 23.50 5.32 2.30
N GLY A 226 23.66 4.22 1.55
CA GLY A 226 24.84 3.33 1.79
C GLY A 226 24.63 1.84 2.11
N PHE A 227 23.37 1.43 2.26
CA PHE A 227 23.05 0.03 2.39
C PHE A 227 23.21 -0.73 1.06
N THR A 228 23.67 -1.97 1.17
CA THR A 228 23.60 -2.93 0.08
C THR A 228 22.27 -3.70 0.19
N MET A 229 21.38 -3.37 -0.75
CA MET A 229 20.00 -3.79 -0.74
C MET A 229 19.77 -4.99 -1.66
N GLN A 230 18.83 -5.85 -1.25
CA GLN A 230 18.27 -6.89 -2.12
C GLN A 230 16.75 -7.11 -1.89
N LYS A 231 16.06 -7.53 -2.95
CA LYS A 231 14.69 -8.00 -2.83
C LYS A 231 14.67 -9.41 -2.23
N ARG A 232 13.51 -9.75 -1.66
CA ARG A 232 13.29 -11.00 -1.00
C ARG A 232 11.80 -11.18 -1.18
N LYS A 233 11.33 -12.41 -1.33
CA LYS A 233 9.91 -12.67 -1.50
C LYS A 233 9.17 -12.12 -0.32
N GLY A 234 8.00 -11.55 -0.58
CA GLY A 234 7.10 -11.07 0.46
C GLY A 234 6.52 -12.22 1.25
N PHE A 235 5.82 -11.90 2.34
CA PHE A 235 5.15 -12.89 3.11
C PHE A 235 3.96 -13.46 2.32
N GLY A 236 3.81 -14.78 2.34
CA GLY A 236 2.65 -15.43 1.74
C GLY A 236 2.60 -15.19 0.26
N ARG A 237 1.46 -14.73 -0.22
CA ARG A 237 1.31 -14.50 -1.66
C ARG A 237 1.94 -13.19 -2.16
N LYS A 238 2.44 -12.35 -1.24
CA LYS A 238 2.99 -11.05 -1.56
C LYS A 238 4.29 -11.25 -2.31
N ARG A 239 4.50 -10.48 -3.37
CA ARG A 239 5.68 -10.76 -4.25
C ARG A 239 7.09 -10.44 -3.75
N GLU A 240 7.23 -9.43 -2.89
CA GLU A 240 8.52 -8.75 -2.80
C GLU A 240 8.58 -7.87 -1.55
N MET A 241 9.73 -7.88 -0.86
CA MET A 241 10.02 -7.02 0.30
C MET A 241 11.45 -6.59 0.09
N LEU A 242 12.00 -5.76 0.98
CA LEU A 242 13.40 -5.31 0.77
C LEU A 242 14.19 -5.59 2.00
N CYS A 243 15.42 -6.02 1.83
CA CYS A 243 16.34 -6.02 2.98
C CYS A 243 17.78 -5.73 2.59
N GLY A 244 18.61 -5.40 3.58
CA GLY A 244 19.92 -4.87 3.23
C GLY A 244 20.95 -4.97 4.33
N VAL A 245 22.20 -4.74 4.01
CA VAL A 245 23.25 -4.85 5.00
C VAL A 245 24.16 -3.65 4.81
N MET A 246 24.68 -3.14 5.91
CA MET A 246 25.67 -2.08 5.86
C MET A 246 27.01 -2.76 5.60
N GLU A 247 27.52 -2.52 4.41
CA GLU A 247 28.85 -2.99 3.96
C GLU A 247 28.98 -4.51 3.71
N SER B 2 -22.10 -20.89 -5.28
CA SER B 2 -21.15 -21.02 -6.41
C SER B 2 -21.73 -21.65 -7.67
N LEU B 3 -22.84 -22.35 -7.53
CA LEU B 3 -23.72 -22.51 -8.68
C LEU B 3 -24.33 -21.13 -8.93
N LYS B 4 -24.54 -20.40 -7.83
CA LYS B 4 -25.19 -19.10 -7.82
C LYS B 4 -24.36 -18.06 -8.57
N HIS B 5 -23.05 -18.12 -8.36
CA HIS B 5 -22.16 -17.06 -8.75
C HIS B 5 -20.94 -17.57 -9.51
N TYR B 6 -20.83 -18.88 -9.65
CA TYR B 6 -19.60 -19.54 -10.14
C TYR B 6 -18.36 -18.97 -9.47
N SER B 7 -17.47 -18.46 -10.32
CA SER B 7 -16.11 -18.00 -9.96
C SER B 7 -16.02 -16.59 -9.33
N ILE B 8 -17.16 -16.02 -8.95
CA ILE B 8 -17.16 -14.65 -8.47
C ILE B 8 -18.16 -14.53 -7.34
N GLN B 9 -17.99 -13.51 -6.50
CA GLN B 9 -18.96 -13.21 -5.47
C GLN B 9 -19.05 -11.70 -5.31
N PRO B 10 -20.23 -11.21 -4.90
CA PRO B 10 -20.40 -9.78 -4.63
C PRO B 10 -19.41 -9.26 -3.60
N ALA B 11 -18.98 -8.03 -3.78
CA ALA B 11 -18.10 -7.37 -2.82
C ALA B 11 -18.79 -7.25 -1.47
N ASN B 12 -18.04 -7.56 -0.42
CA ASN B 12 -18.35 -7.36 0.97
C ASN B 12 -17.73 -6.01 1.46
N LEU B 13 -18.58 -4.99 1.59
CA LEU B 13 -18.15 -3.66 1.99
C LEU B 13 -18.47 -3.35 3.45
N GLU B 14 -17.62 -2.50 4.03
CA GLU B 14 -17.92 -1.83 5.28
C GLU B 14 -17.68 -0.36 5.00
N PHE B 15 -18.51 0.52 5.55
CA PHE B 15 -18.36 1.97 5.35
C PHE B 15 -17.85 2.49 6.64
N ASN B 16 -16.77 3.26 6.60
CA ASN B 16 -16.04 3.54 7.82
C ASN B 16 -16.52 4.80 8.49
N ALA B 17 -15.88 5.17 9.60
CA ALA B 17 -16.27 6.38 10.36
C ALA B 17 -16.44 7.65 9.50
N GLU B 18 -15.66 7.76 8.41
CA GLU B 18 -15.74 8.92 7.47
C GLU B 18 -16.80 8.68 6.36
N GLY B 19 -17.43 7.52 6.38
CA GLY B 19 -18.43 7.09 5.39
C GLY B 19 -17.84 6.50 4.12
N THR B 20 -16.54 6.21 4.11
CA THR B 20 -15.85 5.67 2.95
C THR B 20 -16.05 4.17 2.82
N PRO B 21 -16.31 3.69 1.59
CA PRO B 21 -16.31 2.28 1.28
C PRO B 21 -14.94 1.66 1.45
N VAL B 22 -14.92 0.65 2.31
CA VAL B 22 -13.76 -0.19 2.55
C VAL B 22 -14.07 -1.59 2.04
N SER B 23 -13.14 -2.16 1.31
CA SER B 23 -13.28 -3.56 0.96
C SER B 23 -12.97 -4.49 2.14
N ARG B 24 -13.93 -5.33 2.52
CA ARG B 24 -13.65 -6.42 3.47
C ARG B 24 -12.96 -7.60 2.81
N ASP B 25 -13.09 -7.73 1.50
CA ASP B 25 -12.34 -8.75 0.77
C ASP B 25 -10.84 -8.47 0.74
N PHE B 26 -10.45 -7.20 0.60
CA PHE B 26 -9.05 -6.81 0.53
C PHE B 26 -8.53 -5.89 1.65
N ASP B 27 -9.42 -5.49 2.57
CA ASP B 27 -9.06 -4.66 3.74
C ASP B 27 -8.42 -3.32 3.37
N ASP B 28 -9.05 -2.54 2.48
CA ASP B 28 -8.59 -1.23 2.15
C ASP B 28 -9.74 -0.37 1.60
N VAL B 29 -9.67 0.93 1.85
CA VAL B 29 -10.56 1.89 1.24
C VAL B 29 -10.49 1.82 -0.28
N TYR B 30 -11.63 1.95 -0.93
CA TYR B 30 -11.62 2.00 -2.40
C TYR B 30 -10.95 3.26 -2.97
N PHE B 31 -11.05 4.38 -2.24
CA PHE B 31 -10.51 5.65 -2.67
C PHE B 31 -10.29 6.55 -1.46
N SER B 32 -9.49 7.57 -1.69
CA SER B 32 -9.27 8.68 -0.77
C SER B 32 -10.55 9.53 -0.56
N ASN B 33 -11.07 9.50 0.67
CA ASN B 33 -12.24 10.31 1.03
C ASN B 33 -12.03 11.80 0.65
N ASP B 34 -10.86 12.35 0.98
CA ASP B 34 -10.61 13.78 0.67
C ASP B 34 -10.35 14.11 -0.81
N ASN B 35 -9.56 13.29 -1.49
CA ASN B 35 -8.99 13.62 -2.78
C ASN B 35 -9.28 12.69 -3.94
N GLY B 36 -10.20 11.75 -3.79
CA GLY B 36 -10.32 10.63 -4.73
C GLY B 36 -10.43 11.05 -6.17
N LEU B 37 -11.29 12.04 -6.40
CA LEU B 37 -11.53 12.54 -7.75
C LEU B 37 -10.28 13.19 -8.42
N GLU B 38 -9.64 14.13 -7.73
CA GLU B 38 -8.43 14.78 -8.27
C GLU B 38 -7.23 13.87 -8.31
N GLU B 39 -7.17 12.95 -7.36
CA GLU B 39 -6.15 11.90 -7.44
C GLU B 39 -6.36 11.00 -8.66
N THR B 40 -7.58 10.53 -8.88
CA THR B 40 -7.89 9.75 -10.12
C THR B 40 -7.53 10.52 -11.39
N ARG B 41 -7.87 11.81 -11.46
CA ARG B 41 -7.52 12.62 -12.62
C ARG B 41 -6.04 12.77 -12.81
N TYR B 42 -5.32 12.97 -11.72
CA TYR B 42 -3.86 13.11 -11.79
C TYR B 42 -3.16 11.81 -12.26
N VAL B 43 -3.51 10.67 -11.69
CA VAL B 43 -2.76 9.47 -12.06
C VAL B 43 -3.18 8.85 -13.38
N PHE B 44 -4.47 8.76 -13.60
CA PHE B 44 -4.98 7.98 -14.74
C PHE B 44 -5.18 8.82 -16.01
N LEU B 45 -5.78 9.99 -15.85
CA LEU B 45 -5.87 10.94 -17.00
C LEU B 45 -4.49 11.58 -17.24
N GLY B 46 -3.93 12.19 -16.19
CA GLY B 46 -2.61 12.82 -16.26
C GLY B 46 -1.49 11.91 -16.63
N GLY B 47 -1.41 10.75 -15.98
CA GLY B 47 -0.33 9.81 -16.34
C GLY B 47 -0.37 9.20 -17.73
N ASN B 48 -1.55 9.13 -18.34
CA ASN B 48 -1.71 8.68 -19.72
C ASN B 48 -1.82 9.88 -20.67
N GLN B 49 -1.78 11.11 -20.11
CA GLN B 49 -1.77 12.36 -20.89
C GLN B 49 -3.02 12.47 -21.75
N LEU B 50 -4.17 12.13 -21.20
CA LEU B 50 -5.32 11.93 -22.02
C LEU B 50 -5.94 13.23 -22.56
N GLU B 51 -6.02 14.24 -21.71
CA GLU B 51 -6.75 15.46 -22.12
C GLU B 51 -5.97 16.17 -23.21
N ALA B 52 -4.65 16.08 -23.13
CA ALA B 52 -3.82 16.55 -24.23
C ALA B 52 -4.01 15.73 -25.52
N ARG B 53 -4.19 14.41 -25.40
CA ARG B 53 -4.16 13.54 -26.59
C ARG B 53 -5.41 13.60 -27.37
N PHE B 54 -6.55 13.76 -26.68
CA PHE B 54 -7.84 13.61 -27.27
C PHE B 54 -8.02 14.45 -28.55
N PRO B 55 -7.73 15.78 -28.49
CA PRO B 55 -7.87 16.57 -29.71
C PRO B 55 -6.83 16.26 -30.83
N GLU B 56 -5.77 15.52 -30.54
CA GLU B 56 -4.76 15.12 -31.58
C GLU B 56 -4.92 13.67 -32.02
N HIS B 57 -5.87 12.98 -31.43
CA HIS B 57 -6.01 11.52 -31.62
C HIS B 57 -6.46 11.18 -33.06
N PRO B 58 -5.61 10.49 -33.82
CA PRO B 58 -5.88 10.24 -35.24
C PRO B 58 -6.78 9.07 -35.58
N HIS B 59 -7.84 8.84 -34.76
CA HIS B 59 -8.80 7.76 -35.00
C HIS B 59 -10.10 8.23 -34.41
N PRO B 60 -11.22 7.78 -34.97
CA PRO B 60 -12.52 8.18 -34.43
C PRO B 60 -12.91 7.57 -33.08
N LEU B 61 -12.17 6.53 -32.66
CA LEU B 61 -12.48 5.84 -31.41
C LEU B 61 -11.27 5.88 -30.51
N PHE B 62 -11.50 6.10 -29.21
CA PHE B 62 -10.47 5.92 -28.19
C PHE B 62 -10.78 4.68 -27.32
N VAL B 63 -9.80 3.79 -27.19
CA VAL B 63 -10.03 2.57 -26.36
C VAL B 63 -9.21 2.66 -25.10
N VAL B 64 -9.90 2.64 -23.96
CA VAL B 64 -9.22 2.51 -22.65
C VAL B 64 -9.49 1.14 -22.06
N ALA B 65 -8.45 0.51 -21.51
CA ALA B 65 -8.63 -0.72 -20.75
C ALA B 65 -8.18 -0.55 -19.30
N GLU B 66 -8.96 -1.09 -18.37
CA GLU B 66 -8.66 -0.93 -16.95
C GLU B 66 -8.59 -2.31 -16.24
N SER B 67 -7.63 -2.48 -15.34
CA SER B 67 -7.47 -3.82 -14.78
C SER B 67 -8.47 -4.12 -13.68
N GLY B 68 -8.94 -3.11 -12.95
CA GLY B 68 -9.90 -3.37 -11.91
C GLY B 68 -10.87 -2.23 -11.72
N PHE B 69 -12.17 -2.51 -11.90
CA PHE B 69 -13.21 -1.46 -11.93
C PHE B 69 -13.53 -0.80 -10.58
N GLY B 70 -13.77 -1.61 -9.55
CA GLY B 70 -14.21 -1.11 -8.26
C GLY B 70 -15.53 -0.35 -8.23
N THR B 71 -15.48 0.87 -7.75
CA THR B 71 -16.69 1.70 -7.66
C THR B 71 -17.02 2.34 -9.00
N GLY B 72 -16.11 2.20 -9.95
CA GLY B 72 -16.24 2.87 -11.23
C GLY B 72 -15.76 4.32 -11.28
N LEU B 73 -15.07 4.77 -10.23
CA LEU B 73 -14.55 6.13 -10.19
C LEU B 73 -13.65 6.46 -11.38
N ASN B 74 -12.71 5.58 -11.69
CA ASN B 74 -11.85 5.84 -12.86
C ASN B 74 -12.69 6.00 -14.13
N PHE B 75 -13.63 5.10 -14.36
CA PHE B 75 -14.50 5.22 -15.51
C PHE B 75 -15.35 6.52 -15.56
N LEU B 76 -16.03 6.86 -14.48
CA LEU B 76 -16.85 8.06 -14.40
C LEU B 76 -16.04 9.34 -14.59
N THR B 77 -14.91 9.39 -13.91
CA THR B 77 -13.96 10.46 -14.11
C THR B 77 -13.56 10.63 -15.60
N LEU B 78 -13.22 9.54 -16.26
CA LEU B 78 -12.87 9.58 -17.66
C LEU B 78 -14.06 10.01 -18.53
N TRP B 79 -15.23 9.48 -18.21
CA TRP B 79 -16.42 9.79 -18.96
C TRP B 79 -16.73 11.29 -18.88
N GLN B 80 -16.70 11.86 -17.67
CA GLN B 80 -16.79 13.30 -17.52
C GLN B 80 -15.73 14.04 -18.35
N ALA B 81 -14.44 13.70 -18.24
CA ALA B 81 -13.45 14.34 -19.08
C ALA B 81 -13.73 14.22 -20.61
N PHE B 82 -14.29 13.09 -21.05
CA PHE B 82 -14.46 12.85 -22.49
C PHE B 82 -15.57 13.75 -23.06
N ASP B 83 -16.64 13.91 -22.30
CA ASP B 83 -17.76 14.76 -22.61
C ASP B 83 -17.34 16.25 -22.60
N GLN B 84 -16.43 16.60 -21.70
CA GLN B 84 -15.82 17.91 -21.68
C GLN B 84 -14.97 18.12 -22.90
N PHE B 85 -14.19 17.11 -23.25
CA PHE B 85 -13.45 17.22 -24.50
C PHE B 85 -14.43 17.39 -25.70
N ARG B 86 -15.58 16.70 -25.68
CA ARG B 86 -16.50 16.71 -26.83
CA ARG B 86 -16.44 16.74 -26.86
C ARG B 86 -17.21 18.06 -27.00
N GLU B 87 -17.42 18.75 -25.89
CA GLU B 87 -18.06 20.07 -25.88
C GLU B 87 -17.10 21.13 -26.43
N ALA B 88 -15.82 21.03 -26.03
CA ALA B 88 -14.78 21.94 -26.45
C ALA B 88 -14.27 21.68 -27.85
N HIS B 89 -14.35 20.43 -28.29
CA HIS B 89 -13.79 20.03 -29.56
C HIS B 89 -14.75 19.16 -30.39
N PRO B 90 -15.92 19.69 -30.78
CA PRO B 90 -16.91 18.77 -31.39
C PRO B 90 -16.60 18.25 -32.82
N GLN B 91 -15.51 18.68 -33.43
CA GLN B 91 -15.20 18.41 -34.83
C GLN B 91 -13.88 17.74 -34.91
N ALA B 92 -13.33 17.38 -33.75
CA ALA B 92 -12.13 16.54 -33.65
C ALA B 92 -12.40 15.24 -34.37
N GLN B 93 -11.36 14.66 -34.96
CA GLN B 93 -11.48 13.30 -35.46
C GLN B 93 -12.03 12.35 -34.38
N LEU B 94 -11.63 12.52 -33.12
CA LEU B 94 -12.09 11.66 -32.05
C LEU B 94 -13.53 11.91 -31.69
N GLN B 95 -14.37 10.88 -31.89
CA GLN B 95 -15.83 11.02 -31.62
C GLN B 95 -16.40 10.08 -30.59
N ARG B 96 -15.74 8.93 -30.38
CA ARG B 96 -16.33 7.88 -29.55
C ARG B 96 -15.36 7.26 -28.53
N LEU B 97 -15.90 6.78 -27.43
CA LEU B 97 -15.06 6.15 -26.38
C LEU B 97 -15.44 4.70 -26.10
N HIS B 98 -14.44 3.83 -26.11
CA HIS B 98 -14.68 2.43 -25.70
C HIS B 98 -13.90 2.02 -24.41
N PHE B 99 -14.61 1.75 -23.33
CA PHE B 99 -13.94 1.46 -22.04
C PHE B 99 -14.10 -0.02 -21.70
N ILE B 100 -12.99 -0.74 -21.56
CA ILE B 100 -13.02 -2.21 -21.18
C ILE B 100 -12.49 -2.41 -19.74
N SER B 101 -13.33 -2.85 -18.81
CA SER B 101 -12.87 -3.07 -17.42
C SER B 101 -13.12 -4.48 -16.90
N PHE B 102 -12.39 -4.83 -15.84
CA PHE B 102 -12.50 -6.15 -15.15
C PHE B 102 -12.73 -5.98 -13.64
N GLU B 103 -13.62 -6.80 -13.10
CA GLU B 103 -13.91 -6.80 -11.67
C GLU B 103 -14.21 -8.23 -11.20
N LYS B 104 -13.49 -8.66 -10.18
CA LYS B 104 -13.68 -9.98 -9.60
C LYS B 104 -14.76 -9.99 -8.50
N PHE B 105 -14.88 -8.89 -7.75
CA PHE B 105 -15.83 -8.79 -6.66
C PHE B 105 -16.73 -7.62 -6.92
N PRO B 106 -17.73 -7.77 -7.82
CA PRO B 106 -18.57 -6.63 -8.19
C PRO B 106 -19.42 -6.14 -7.00
N LEU B 107 -19.55 -4.81 -6.88
CA LEU B 107 -20.38 -4.19 -5.88
C LEU B 107 -21.85 -4.45 -6.18
N THR B 108 -22.66 -4.44 -5.11
CA THR B 108 -24.10 -4.50 -5.23
C THR B 108 -24.51 -3.11 -5.72
N ARG B 109 -25.67 -3.02 -6.36
CA ARG B 109 -26.15 -1.71 -6.79
C ARG B 109 -26.27 -0.72 -5.62
N ALA B 110 -26.76 -1.20 -4.48
CA ALA B 110 -26.97 -0.38 -3.30
C ALA B 110 -25.65 0.17 -2.81
N ASP B 111 -24.66 -0.73 -2.62
CA ASP B 111 -23.28 -0.32 -2.25
C ASP B 111 -22.67 0.64 -3.23
N LEU B 112 -22.85 0.38 -4.52
CA LEU B 112 -22.40 1.29 -5.58
C LEU B 112 -23.01 2.68 -5.46
N ALA B 113 -24.33 2.71 -5.23
CA ALA B 113 -25.05 3.99 -5.09
C ALA B 113 -24.56 4.79 -3.87
N LEU B 114 -24.26 4.08 -2.78
CA LEU B 114 -23.62 4.68 -1.62
C LEU B 114 -22.27 5.29 -1.98
N ALA B 115 -21.43 4.50 -2.65
CA ALA B 115 -20.07 4.96 -3.01
C ALA B 115 -20.11 6.24 -3.79
N HIS B 116 -20.96 6.29 -4.80
CA HIS B 116 -21.10 7.48 -5.64
C HIS B 116 -21.57 8.73 -4.94
N GLN B 117 -22.24 8.58 -3.79
CA GLN B 117 -22.63 9.74 -2.99
C GLN B 117 -21.48 10.65 -2.63
N HIS B 118 -20.27 10.10 -2.61
CA HIS B 118 -19.07 10.87 -2.39
C HIS B 118 -18.79 11.90 -3.46
N TRP B 119 -19.27 11.72 -4.68
CA TRP B 119 -18.92 12.63 -5.77
CA TRP B 119 -18.91 12.66 -5.72
C TRP B 119 -20.15 13.26 -6.43
N PRO B 120 -20.81 14.21 -5.73
CA PRO B 120 -21.99 14.89 -6.30
C PRO B 120 -21.77 15.45 -7.70
N GLU B 121 -20.55 15.89 -8.02
CA GLU B 121 -20.26 16.47 -9.31
C GLU B 121 -20.35 15.45 -10.46
N LEU B 122 -20.28 14.15 -10.12
CA LEU B 122 -20.39 13.06 -11.11
C LEU B 122 -21.80 12.44 -11.19
N ALA B 123 -22.69 12.86 -10.29
CA ALA B 123 -24.05 12.31 -10.26
C ALA B 123 -24.76 12.08 -11.63
N PRO B 124 -24.67 13.06 -12.57
CA PRO B 124 -25.25 12.83 -13.91
C PRO B 124 -24.71 11.58 -14.65
N TRP B 125 -23.40 11.33 -14.57
CA TRP B 125 -22.85 10.13 -15.16
C TRP B 125 -23.12 8.89 -14.28
N ALA B 126 -22.95 9.10 -12.98
CA ALA B 126 -23.13 8.09 -11.96
C ALA B 126 -24.50 7.43 -11.99
N GLU B 127 -25.55 8.24 -12.18
CA GLU B 127 -26.91 7.69 -12.17
C GLU B 127 -27.14 6.80 -13.39
N GLN B 128 -26.41 7.06 -14.46
CA GLN B 128 -26.59 6.30 -15.69
C GLN B 128 -25.95 4.93 -15.61
N LEU B 129 -24.76 4.87 -15.00
CA LEU B 129 -24.10 3.62 -14.67
C LEU B 129 -24.96 2.75 -13.74
N GLN B 130 -25.41 3.33 -12.62
CA GLN B 130 -26.35 2.66 -11.70
C GLN B 130 -27.57 2.08 -12.38
N ALA B 131 -28.20 2.88 -13.25
CA ALA B 131 -29.41 2.48 -13.95
C ALA B 131 -29.23 1.19 -14.72
N GLN B 132 -28.02 0.98 -15.22
CA GLN B 132 -27.71 -0.19 -16.04
C GLN B 132 -26.78 -1.20 -15.37
N TRP B 133 -26.67 -1.15 -14.04
CA TRP B 133 -25.70 -1.95 -13.33
C TRP B 133 -26.04 -3.46 -13.39
N PRO B 134 -25.10 -4.29 -13.89
CA PRO B 134 -25.45 -5.68 -14.12
C PRO B 134 -25.47 -6.55 -12.87
N MET B 135 -26.18 -7.65 -13.00
CA MET B 135 -26.27 -8.69 -11.96
C MET B 135 -24.93 -9.42 -11.95
N PRO B 136 -24.49 -9.89 -10.78
CA PRO B 136 -23.13 -10.42 -10.76
C PRO B 136 -22.98 -11.82 -11.34
N LEU B 137 -23.03 -11.93 -12.65
CA LEU B 137 -22.67 -13.18 -13.32
C LEU B 137 -21.35 -13.07 -14.08
N PRO B 138 -20.59 -14.17 -14.21
CA PRO B 138 -19.32 -14.05 -14.98
C PRO B 138 -19.52 -13.68 -16.48
N GLY B 139 -18.54 -12.94 -17.01
CA GLY B 139 -18.41 -12.64 -18.42
C GLY B 139 -18.64 -11.18 -18.73
N CYS B 140 -18.94 -10.93 -19.97
CA CYS B 140 -18.90 -9.57 -20.46
C CYS B 140 -20.23 -8.94 -20.36
N HIS B 141 -20.32 -7.80 -19.68
CA HIS B 141 -21.56 -7.02 -19.65
C HIS B 141 -21.42 -5.69 -20.41
N ARG B 142 -22.12 -5.52 -21.53
CA ARG B 142 -21.93 -4.32 -22.32
C ARG B 142 -23.01 -3.29 -22.03
N LEU B 143 -22.56 -2.16 -21.49
CA LEU B 143 -23.45 -1.02 -21.25
C LEU B 143 -23.25 0.01 -22.33
N LEU B 144 -24.35 0.34 -23.01
CA LEU B 144 -24.34 1.39 -24.02
C LEU B 144 -24.86 2.68 -23.41
N LEU B 145 -23.99 3.67 -23.28
CA LEU B 145 -24.41 4.91 -22.64
C LEU B 145 -24.27 6.03 -23.66
N ASP B 146 -25.12 7.02 -23.62
CA ASP B 146 -24.99 8.15 -24.56
C ASP B 146 -25.15 7.82 -26.07
N ARG B 149 -21.75 6.73 -28.29
CA ARG B 149 -20.67 7.67 -28.03
C ARG B 149 -19.78 7.05 -26.93
N VAL B 150 -20.41 6.51 -25.90
CA VAL B 150 -19.65 5.84 -24.81
C VAL B 150 -20.12 4.41 -24.59
N THR B 151 -19.18 3.49 -24.78
CA THR B 151 -19.46 2.09 -24.42
C THR B 151 -18.54 1.53 -23.31
N LEU B 152 -19.17 0.91 -22.32
CA LEU B 152 -18.47 0.24 -21.23
C LEU B 152 -18.69 -1.27 -21.28
N ASP B 153 -17.61 -2.03 -21.53
CA ASP B 153 -17.64 -3.46 -21.35
C ASP B 153 -17.08 -3.80 -19.98
N LEU B 154 -17.95 -4.17 -19.08
CA LEU B 154 -17.56 -4.54 -17.73
C LEU B 154 -17.45 -6.06 -17.61
N TRP B 155 -16.25 -6.57 -17.50
CA TRP B 155 -16.08 -8.03 -17.38
C TRP B 155 -16.02 -8.45 -15.93
N PHE B 156 -16.93 -9.32 -15.52
CA PHE B 156 -16.93 -9.87 -14.20
C PHE B 156 -16.19 -11.20 -14.20
N GLY B 157 -15.21 -11.31 -13.31
CA GLY B 157 -14.33 -12.45 -13.28
C GLY B 157 -12.87 -12.05 -13.07
N ASP B 158 -11.99 -13.05 -13.11
CA ASP B 158 -10.56 -12.92 -12.91
C ASP B 158 -9.91 -12.49 -14.21
N ILE B 159 -9.34 -11.29 -14.21
CA ILE B 159 -8.62 -10.73 -15.38
C ILE B 159 -7.50 -11.64 -15.89
N ASN B 160 -6.76 -12.26 -14.97
CA ASN B 160 -5.68 -13.18 -15.39
C ASN B 160 -6.18 -14.36 -16.23
N GLU B 161 -7.42 -14.80 -15.96
CA GLU B 161 -8.12 -15.82 -16.75
C GLU B 161 -8.81 -15.25 -17.99
N LEU B 162 -9.45 -14.10 -17.83
CA LEU B 162 -10.29 -13.55 -18.92
C LEU B 162 -9.55 -12.88 -20.04
N ILE B 163 -8.42 -12.23 -19.73
CA ILE B 163 -7.73 -11.38 -20.70
C ILE B 163 -7.43 -12.09 -22.04
N SER B 164 -7.35 -13.42 -22.01
CA SER B 164 -7.13 -14.20 -23.25
C SER B 164 -8.32 -14.12 -24.22
N GLN B 165 -9.51 -13.80 -23.71
CA GLN B 165 -10.72 -13.52 -24.53
C GLN B 165 -10.55 -12.34 -25.46
N LEU B 166 -9.69 -11.39 -25.06
CA LEU B 166 -9.27 -10.27 -25.89
C LEU B 166 -8.15 -10.83 -26.77
N ASP B 167 -8.57 -11.49 -27.83
CA ASP B 167 -7.67 -12.31 -28.62
C ASP B 167 -6.77 -11.47 -29.53
N ASP B 168 -6.19 -12.12 -30.53
CA ASP B 168 -5.23 -11.48 -31.40
C ASP B 168 -5.86 -10.37 -32.27
N SER B 169 -7.19 -10.33 -32.34
CA SER B 169 -7.90 -9.31 -33.15
C SER B 169 -7.86 -7.96 -32.46
N LEU B 170 -7.76 -8.00 -31.12
CA LEU B 170 -7.65 -6.80 -30.29
C LEU B 170 -6.20 -6.40 -30.02
N ASN B 171 -5.25 -7.16 -30.54
CA ASN B 171 -3.85 -6.76 -30.46
C ASN B 171 -3.62 -5.38 -30.99
N GLN B 172 -2.81 -4.63 -30.25
CA GLN B 172 -2.47 -3.26 -30.60
C GLN B 172 -3.65 -2.33 -30.82
N LYS B 173 -4.73 -2.53 -30.07
CA LYS B 173 -5.90 -1.70 -30.18
C LYS B 173 -6.16 -0.78 -28.96
N VAL B 174 -5.44 -0.99 -27.87
CA VAL B 174 -5.74 -0.23 -26.64
C VAL B 174 -4.91 1.03 -26.60
N ASP B 175 -5.54 2.18 -26.52
CA ASP B 175 -4.78 3.43 -26.49
C ASP B 175 -4.21 3.81 -25.10
N ALA B 176 -4.94 3.50 -24.03
CA ALA B 176 -4.40 3.72 -22.69
C ALA B 176 -4.79 2.59 -21.79
N TRP B 177 -3.88 2.21 -20.91
CA TRP B 177 -4.16 1.25 -19.80
C TRP B 177 -4.26 1.92 -18.43
N PHE B 178 -5.38 1.74 -17.70
CA PHE B 178 -5.44 2.16 -16.28
C PHE B 178 -5.06 0.88 -15.43
N LEU B 179 -3.81 0.76 -15.03
CA LEU B 179 -3.37 -0.40 -14.18
C LEU B 179 -3.78 -0.08 -12.73
N ASP B 180 -4.99 -0.52 -12.41
CA ASP B 180 -5.64 -0.09 -11.17
C ASP B 180 -6.18 -1.31 -10.46
N GLY B 181 -6.51 -1.14 -9.19
CA GLY B 181 -7.21 -2.10 -8.37
C GLY B 181 -6.66 -1.83 -6.99
N PHE B 182 -6.68 -2.85 -6.14
CA PHE B 182 -6.01 -2.73 -4.86
C PHE B 182 -4.51 -2.91 -5.03
N ALA B 183 -3.76 -2.24 -4.18
CA ALA B 183 -2.32 -2.23 -4.26
C ALA B 183 -1.75 -3.69 -4.25
N PRO B 184 -0.56 -3.89 -4.85
CA PRO B 184 0.04 -5.21 -4.81
C PRO B 184 0.15 -5.91 -3.44
N ALA B 185 0.31 -5.16 -2.35
CA ALA B 185 0.35 -5.77 -1.02
C ALA B 185 -1.03 -6.25 -0.64
N LYS B 186 -2.09 -5.67 -1.23
CA LYS B 186 -3.44 -6.01 -0.74
C LYS B 186 -4.08 -7.09 -1.61
N ASN B 187 -3.76 -7.07 -2.91
CA ASN B 187 -4.28 -8.06 -3.87
C ASN B 187 -3.17 -8.52 -4.79
N PRO B 188 -2.20 -9.28 -4.26
CA PRO B 188 -1.03 -9.71 -5.00
C PRO B 188 -1.34 -10.56 -6.23
N ASP B 189 -2.43 -11.31 -6.21
CA ASP B 189 -2.73 -12.22 -7.32
C ASP B 189 -3.01 -11.47 -8.65
N MET B 190 -3.36 -10.18 -8.59
CA MET B 190 -3.68 -9.42 -9.80
C MET B 190 -2.40 -9.11 -10.61
N TRP B 191 -1.31 -8.86 -9.88
CA TRP B 191 -0.12 -8.21 -10.42
C TRP B 191 0.88 -9.22 -10.93
N THR B 192 0.55 -9.88 -12.03
CA THR B 192 1.33 -10.99 -12.51
C THR B 192 2.02 -10.62 -13.82
N GLN B 193 3.07 -11.37 -14.18
CA GLN B 193 3.68 -11.23 -15.51
C GLN B 193 2.67 -11.56 -16.64
N ASN B 194 1.82 -12.54 -16.40
CA ASN B 194 0.82 -12.88 -17.41
C ASN B 194 0.06 -11.57 -17.77
N LEU B 195 -0.29 -10.79 -16.76
CA LEU B 195 -1.14 -9.62 -16.95
C LEU B 195 -0.35 -8.55 -17.69
N PHE B 196 0.86 -8.30 -17.21
CA PHE B 196 1.76 -7.33 -17.86
C PHE B 196 1.94 -7.68 -19.33
N ASN B 197 2.19 -8.95 -19.65
CA ASN B 197 2.45 -9.34 -21.05
C ASN B 197 1.24 -9.15 -21.92
N ALA B 198 0.04 -9.36 -21.38
CA ALA B 198 -1.21 -9.24 -22.12
C ALA B 198 -1.51 -7.75 -22.38
N MET B 199 -1.21 -6.91 -21.40
CA MET B 199 -1.32 -5.46 -21.59
C MET B 199 -0.40 -4.97 -22.68
N ALA B 200 0.83 -5.48 -22.72
CA ALA B 200 1.79 -5.05 -23.78
C ALA B 200 1.37 -5.51 -25.19
N ARG B 201 0.79 -6.72 -25.27
CA ARG B 201 0.26 -7.25 -26.54
C ARG B 201 -0.92 -6.42 -27.07
N LEU B 202 -1.76 -5.94 -26.14
CA LEU B 202 -2.97 -5.26 -26.46
C LEU B 202 -2.79 -3.76 -26.71
N ALA B 203 -1.72 -3.19 -26.16
CA ALA B 203 -1.37 -1.78 -26.36
C ALA B 203 -1.03 -1.42 -27.83
N ARG B 204 -1.66 -0.35 -28.32
CA ARG B 204 -1.29 0.28 -29.58
C ARG B 204 0.11 0.90 -29.44
N PRO B 205 0.97 0.73 -30.48
CA PRO B 205 2.21 1.53 -30.58
C PRO B 205 1.95 3.00 -30.31
N GLY B 206 2.79 3.61 -29.45
CA GLY B 206 2.53 4.93 -28.93
C GLY B 206 1.45 4.91 -27.88
N GLY B 207 0.84 3.75 -27.60
CA GLY B 207 -0.21 3.63 -26.54
C GLY B 207 0.40 3.72 -25.14
N THR B 208 -0.38 4.15 -24.15
CA THR B 208 0.22 4.42 -22.86
C THR B 208 -0.35 3.58 -21.71
N LEU B 209 0.32 3.68 -20.57
CA LEU B 209 -0.15 3.06 -19.33
C LEU B 209 0.23 3.89 -18.11
N ALA B 210 -0.66 3.96 -17.13
CA ALA B 210 -0.33 4.55 -15.85
C ALA B 210 -0.73 3.62 -14.67
N THR B 211 -0.01 3.74 -13.56
CA THR B 211 -0.43 3.09 -12.31
C THR B 211 0.01 3.89 -11.06
N PHE B 212 -0.70 3.69 -9.96
CA PHE B 212 -0.40 4.39 -8.71
C PHE B 212 0.80 3.75 -7.95
N THR B 213 1.19 2.49 -8.28
CA THR B 213 2.26 1.80 -7.52
C THR B 213 3.63 2.10 -8.16
N SER B 214 4.68 2.10 -7.33
CA SER B 214 6.05 2.01 -7.90
C SER B 214 6.83 0.82 -7.29
N ALA B 215 6.11 -0.25 -6.92
CA ALA B 215 6.72 -1.54 -6.51
C ALA B 215 7.79 -1.95 -7.54
N GLY B 216 8.99 -2.29 -7.07
CA GLY B 216 10.08 -2.56 -8.03
C GLY B 216 9.69 -3.63 -9.02
N PHE B 217 9.02 -4.69 -8.59
CA PHE B 217 8.70 -5.76 -9.50
C PHE B 217 7.68 -5.37 -10.58
N VAL B 218 6.76 -4.49 -10.22
CA VAL B 218 5.85 -3.90 -11.22
C VAL B 218 6.61 -3.24 -12.34
N ARG B 219 7.57 -2.39 -11.99
CA ARG B 219 8.29 -1.64 -13.01
C ARG B 219 9.04 -2.62 -13.90
N ARG B 220 9.86 -3.49 -13.29
CA ARG B 220 10.64 -4.49 -14.00
C ARG B 220 9.75 -5.41 -14.87
N GLY B 221 8.60 -5.83 -14.37
CA GLY B 221 7.77 -6.70 -15.14
C GLY B 221 7.12 -6.00 -16.33
N LEU B 222 6.72 -4.72 -16.15
CA LEU B 222 6.18 -3.95 -17.27
C LEU B 222 7.25 -3.68 -18.33
N GLN B 223 8.52 -3.53 -17.92
CA GLN B 223 9.66 -3.36 -18.86
C GLN B 223 9.90 -4.64 -19.64
N GLU B 224 10.01 -5.76 -18.91
CA GLU B 224 10.11 -7.11 -19.48
C GLU B 224 9.03 -7.35 -20.56
N ALA B 225 7.81 -6.91 -20.26
CA ALA B 225 6.68 -7.04 -21.14
C ALA B 225 6.77 -6.17 -22.40
N GLY B 226 7.53 -5.09 -22.34
CA GLY B 226 7.76 -4.25 -23.52
C GLY B 226 7.53 -2.76 -23.43
N PHE B 227 7.01 -2.28 -22.30
CA PHE B 227 6.74 -0.85 -22.13
C PHE B 227 8.01 -0.15 -21.78
N THR B 228 8.17 1.07 -22.25
CA THR B 228 9.24 1.94 -21.79
C THR B 228 8.75 2.79 -20.63
N MET B 229 9.26 2.47 -19.43
CA MET B 229 8.67 2.96 -18.16
C MET B 229 9.44 4.12 -17.59
N GLN B 230 8.71 4.92 -16.83
CA GLN B 230 9.16 6.19 -16.34
C GLN B 230 8.49 6.44 -14.96
N LYS B 231 9.28 6.92 -14.01
CA LYS B 231 8.74 7.36 -12.73
C LYS B 231 8.12 8.77 -12.92
N ARG B 232 7.12 9.08 -12.09
CA ARG B 232 6.42 10.36 -12.18
C ARG B 232 6.12 10.58 -10.70
N LYS B 233 6.26 11.82 -10.24
CA LYS B 233 5.92 12.13 -8.87
C LYS B 233 4.46 11.65 -8.65
N GLY B 234 4.15 11.20 -7.46
CA GLY B 234 2.77 10.84 -7.15
C GLY B 234 1.87 12.02 -6.86
N PHE B 235 0.60 11.74 -6.62
CA PHE B 235 -0.33 12.76 -6.21
C PHE B 235 0.00 13.26 -4.79
N GLY B 236 -0.03 14.59 -4.67
CA GLY B 236 0.07 15.25 -3.39
C GLY B 236 1.47 15.04 -2.86
N ARG B 237 1.55 14.56 -1.61
CA ARG B 237 2.84 14.33 -0.94
C ARG B 237 3.41 12.95 -1.24
N LYS B 238 2.61 12.09 -1.90
CA LYS B 238 3.10 10.79 -2.42
C LYS B 238 4.25 11.02 -3.36
N ARG B 239 5.20 10.13 -3.33
CA ARG B 239 6.48 10.45 -3.87
C ARG B 239 6.72 9.97 -5.33
N GLU B 240 6.00 8.94 -5.79
CA GLU B 240 6.36 8.17 -7.00
C GLU B 240 5.14 7.37 -7.48
N MET B 241 4.89 7.37 -8.79
CA MET B 241 3.94 6.47 -9.47
C MET B 241 4.69 6.03 -10.71
N LEU B 242 4.10 5.13 -11.49
CA LEU B 242 4.78 4.67 -12.70
C LEU B 242 3.89 4.93 -13.91
N CYS B 243 4.47 5.45 -14.97
CA CYS B 243 3.80 5.40 -16.26
C CYS B 243 4.77 4.99 -17.40
N GLY B 244 4.18 4.64 -18.53
CA GLY B 244 4.95 4.11 -19.63
C GLY B 244 4.23 4.22 -20.96
N VAL B 245 4.97 3.89 -22.01
CA VAL B 245 4.55 4.03 -23.40
C VAL B 245 4.99 2.80 -24.15
N MET B 246 4.13 2.26 -25.01
CA MET B 246 4.58 1.20 -25.91
C MET B 246 5.28 1.84 -27.12
N GLU B 247 6.60 1.72 -27.20
CA GLU B 247 7.39 2.35 -28.28
C GLU B 247 7.44 1.58 -29.62
#